data_7FIL
#
_entry.id   7FIL
#
_cell.length_a   1.00
_cell.length_b   1.00
_cell.length_c   1.00
_cell.angle_alpha   90.00
_cell.angle_beta   90.00
_cell.angle_gamma   90.00
#
_symmetry.space_group_name_H-M   'P 1'
#
_entity_poly.entity_id   1
_entity_poly.type   'polypeptide(L)'
_entity_poly.pdbx_seq_one_letter_code
;MRRSKAEIQRYVENAQNSASSPREKSMKGFLFARLYYEAKEYELAKRSVSSYISVQERDPKAHRFLGQLFEIEGNVEKAV
GCYKRSLELNPTQKDLTLRIAELICTLNIKDGRAEYWVERASKLFPGSPEIYRLKEQLLSSQGEAGWNQLFDLIQAELFA
RPNDVYVNLKLVDLFLSNQRLEEAVLHCLKPERRALRTDIEWCSCVVRVFKEYLASKQGQKNTNMRMITKELLLAQCDVV
FLTLSKKDVQKSKEALERFDQALLSVKQSVSGTDASDLSVTFYEMRGHYYMHAGTLLLKMAQSCEVQWKALIEPAALCYL
LAYQVPKPKSKPVKGDDNGQGFLEELAFDRQSKSGHLLLTLSHGKQNFISEIIETFANQCGQSILLKFLFEDNLSMQDSF
MGSDDISYVENRVPDLSELSQHDNGSLRIHNGDLQHLTWLGLQWHFLSTLPPLRKWLKQIFPRVPQETSRLESNIPESIC
LLDLEVFLLAVVQTSYLQLQDNNTTADPNRPRCLPLPICKQLFTDRQRSWWDAVYSLITKKALPGTSAKLRSVIQHDLTT
LRAQEKHGLQPAVLVNWARGLHKTGYSLNSFYDQKEYMGRCVHYWKKLLPLLDLVKQKKSIPEPVDPLFKHFHNKDIKVS
EVKDLEDEACIAFATLDLVDGKTEDAIIAFESVKNVVAYWNLALIYQRKAEEIENDCLPAEEQEEFQECLLKCKGFLKMI
CDEYSAYPSIATSLPVPVETVFEMLDSVKQSLGEAMDDHSPAFMENHSVLTTSAIKHSTPSPTKLTISPSKSARFSPKTP
PRWAEDQKSLLEVLCNKVEALKKEVQELKHNNSNANVSPHRWPNEGFESDTVADSYQGTQNFYTVPLTVSTSGPAAYYGQ
SPAYNSQHLLRPAANITPTKTSVYAMNRLPPQQHMYTYPQQMHTPPTQQSSAGCVFPQEIYGPPLRFESPAAAILSPHNE
EFYNYNVPPASTNPPLPEPGYFTKPSTAMQHSKQEVPKVSDFGKGCLGQSTSEGQKPSPFTVPMQSTPASSTFKFNSNFK
SNDGDFTFSSSHAGASSAYTGSESLLGLLTSDRPTQEQGKKSDFENIASDEKNMFRFGEKSFSPGFTVTGTQSQDKNPLV
FGQSENIFTFKTPGKSTFKPPTFGTQTKDAHNHSVESDAGSEHVADDDGPHFEPIIPLPEKVEVKTGEEDEEEMFCNRAK
LFRFDAETKEWKERGIGNVKILRHRLSGKIRLLMRREQVLKICANHYINADMKLKPNATSDKSYVWHAYDYADEMPKPEQ
LAIRFKTVDEAAHFKAKFEEAQRLLAMAEAPAISAQHKNAKDNLKLDASKVKEAPLPFGSQFILKRGEWQCDCCLATNAP
TSTSCVCCQTPNKNKSSSISSVCISAPSFTFVKESATNKLAFGQQLLKDKDQWTCSKCSQKNDAGVSHCSSCQTQSQAKA
GISQPNIASSGFTNNTSAQGDNLAAVFGKKAGQWDCDVCYVRNEPSANKCISCQNTKPLSKVSGTQAASFSFAAGADNSQ
KNFGAQFAKKEGQWDCDACYVRNEPLATKCISCQNTKLLSKTTGTQAASFSFAAAADNSQKNFGGQFAKKEGQWDCSSCL
VRNEASAPNCVACHSANPQITNKDVVPPALTPSGFKFGHNAEVGKTQQSLSAMFSCKQGQWECSTCLVINDAAKDTCAAC
QAAKPGSSASQSKEVPSTFGIKANSSQNFGQPAAGFNCGFSAKGFKFGISDEKASASNFTFKAPATNEETKMVKDGFNFP
VSAGSLSFKFGISEPDKTKEMSTGFMKGTSTNNKGSETAETTAQAEKIQQSPDKVLGQSVQSFSFADIAKSTEGIEFGKA
DPNFKGFSGAGQKLFTSSNQVNASNAQEAADDLYKTEERDDIHFEPIVQLPDKVDLITGEEDEKTLYSQRVKLYRFDATS
GQWKERGVGNLKILKNEVNGKLRVLMRREQVLKVCANHWITTTMNLKPLTGSDRAWMWLANDFSEGDAKLEQLAVKFKTP
EQAEEFKIKFDQCQCLLLDIPLQTPHKLVDTGRTAHLIQKAEEMKTGLKDLKTFLTDKAKPLDDSNAINTTDLEKQALAD
GTEPTYEWDTYDMRGDAHEETLDDSVYASPLASSPEKKNLFRFGDLSTSGFNFSFQPEPSPSKSPTKLNHSRVSVGTDEE
SDVTQEEERDGQYFEPVVPLPDLVEVTSGEENEQAIFCHRAKLYRFDKDSNQWKERGIGDLKILQRLDNKSARVVMRRDQ
VLKLCANHRITTDINLQPMKGAERAWVWTAHDFSEGEGKVECFAVRFKLQEAADLFKEVFEEAKEAQAKDCLLTPVSSRG
TTPRAASCGKAAIAILEETTKERTDQQPEEDTSLTEASTPSPTDQPAKALVSPANFTFGSDVVKNIFGSEKQVPFAFGNT
SSTGSLFGFSFNASQSQGQQVQKQPPKVTLDFNATFKDAETTNALQKPSQSSGQSPIVSSLSSSSSSSSSTLMQPMPARD
KAADVPDADSSSDVLIVYVATPTPEQKALAETLLLPLTFFCYKNKPGYVSDESDIDDEDFETAVKNLNGILYTEDKKDKA
SSRLSGCSKEPTAESDQDCIIVWEKKPTPEEKAKADSLKLPPTFFCGLGSDTDEDKDNLEDFDTEVRKVKEAKGVPEADV
TSSPEAAIVSAAETSVSLPPKQEPDSTTSISQEPVDLSSKQELPKTDSKGFSTPSFSFGLGEVSGVSFADLASTNSGDFA
FGSKDTNFQWANTGAAVFGTLSQNKKGEDADGSDEEVVHSDDVHFEPIVSLPEVEVKSGEEDEEILFKERAKLYRWDRAV
GQWKERGVGDIKILFHKEKGYYRVLMRRDQVLKVCANHVISTEIKISTLSTSNNSLVWTATDYSDGEGKVEQLAVRFKTK
ELTDSFQNKFEECQHNLQEESNPQH
;
_entity_poly.pdbx_strand_id   A
#
# COMPACT_ATOMS: atom_id res chain seq x y z
N ASN A 222 -1.03 42.86 -1.76
CA ASN A 222 -0.88 42.92 -3.22
C ASN A 222 -0.69 41.51 -3.76
N THR A 223 0.53 41.21 -4.21
CA THR A 223 0.80 39.89 -4.76
C THR A 223 0.72 38.82 -3.67
N ASN A 224 0.98 39.20 -2.42
CA ASN A 224 0.92 38.23 -1.33
C ASN A 224 -0.51 37.73 -1.10
N MET A 225 -1.50 38.62 -1.22
CA MET A 225 -2.89 38.17 -1.12
C MET A 225 -3.30 37.34 -2.32
N ARG A 226 -2.82 37.69 -3.51
CA ARG A 226 -3.03 36.83 -4.66
C ARG A 226 -2.39 35.46 -4.45
N MET A 227 -1.35 35.40 -3.63
CA MET A 227 -0.72 34.15 -3.26
C MET A 227 -1.61 33.36 -2.30
N ILE A 228 -2.10 34.01 -1.25
CA ILE A 228 -2.72 33.28 -0.16
C ILE A 228 -4.16 32.89 -0.49
N THR A 229 -4.85 33.72 -1.29
CA THR A 229 -6.24 33.42 -1.61
C THR A 229 -6.37 32.13 -2.40
N LYS A 230 -5.39 31.83 -3.27
CA LYS A 230 -5.45 30.56 -3.98
C LYS A 230 -5.37 29.39 -3.01
N GLU A 231 -4.48 29.49 -2.01
CA GLU A 231 -4.38 28.43 -1.01
C GLU A 231 -5.69 28.28 -0.23
N LEU A 232 -6.28 29.41 0.15
CA LEU A 232 -7.51 29.35 0.94
C LEU A 232 -8.66 28.80 0.11
N LEU A 233 -8.76 29.20 -1.16
CA LEU A 233 -9.81 28.66 -2.01
C LEU A 233 -9.60 27.18 -2.26
N LEU A 234 -8.34 26.72 -2.28
CA LEU A 234 -8.11 25.28 -2.40
C LEU A 234 -8.59 24.54 -1.16
N ALA A 235 -8.25 25.04 0.03
CA ALA A 235 -8.74 24.42 1.25
C ALA A 235 -10.26 24.44 1.30
N GLN A 236 -10.87 25.55 0.85
CA GLN A 236 -12.32 25.63 0.79
C GLN A 236 -12.89 24.57 -0.15
N CYS A 237 -12.28 24.40 -1.32
CA CYS A 237 -12.75 23.40 -2.26
C CYS A 237 -12.70 22.01 -1.65
N ASP A 238 -11.58 21.66 -1.01
CA ASP A 238 -11.46 20.32 -0.44
C ASP A 238 -12.46 20.11 0.69
N VAL A 239 -12.62 21.11 1.57
CA VAL A 239 -13.53 20.97 2.70
C VAL A 239 -14.97 20.86 2.21
N VAL A 240 -15.39 21.77 1.34
CA VAL A 240 -16.72 21.71 0.75
C VAL A 240 -16.92 20.39 0.04
N PHE A 241 -15.84 19.81 -0.48
CA PHE A 241 -15.95 18.56 -1.22
C PHE A 241 -16.23 17.37 -0.32
N LEU A 242 -15.41 17.18 0.73
CA LEU A 242 -15.49 15.96 1.51
C LEU A 242 -16.42 16.07 2.71
N THR A 243 -16.11 16.95 3.67
CA THR A 243 -16.85 16.97 4.93
C THR A 243 -18.22 17.60 4.73
N LEU A 244 -18.30 18.73 4.04
CA LEU A 244 -19.60 19.32 3.76
C LEU A 244 -20.46 18.40 2.91
N SER A 245 -19.84 17.42 2.25
CA SER A 245 -20.55 16.38 1.50
C SER A 245 -21.54 16.98 0.51
N LYS A 246 -21.08 17.98 -0.24
CA LYS A 246 -21.86 18.48 -1.35
C LYS A 246 -22.11 17.34 -2.34
N LYS A 247 -23.39 17.09 -2.63
CA LYS A 247 -23.78 15.92 -3.40
C LYS A 247 -23.64 16.19 -4.90
N ASP A 248 -22.46 16.71 -5.27
CA ASP A 248 -22.17 17.07 -6.65
C ASP A 248 -23.22 18.02 -7.20
N VAL A 249 -23.68 18.93 -6.35
CA VAL A 249 -24.69 19.91 -6.73
C VAL A 249 -24.03 21.27 -6.52
N GLN A 250 -24.84 22.34 -6.54
CA GLN A 250 -24.34 23.71 -6.50
C GLN A 250 -23.20 23.89 -5.52
N LYS A 251 -23.33 23.25 -4.36
CA LYS A 251 -22.41 23.39 -3.20
C LYS A 251 -20.92 23.32 -3.57
N SER A 252 -20.50 22.28 -4.29
CA SER A 252 -19.09 22.06 -4.59
C SER A 252 -18.68 22.74 -5.90
N LYS A 253 -19.55 22.69 -6.90
CA LYS A 253 -19.24 23.31 -8.18
C LYS A 253 -19.08 24.82 -8.06
N GLU A 254 -19.75 25.44 -7.09
CA GLU A 254 -19.56 26.86 -6.90
C GLU A 254 -18.15 27.17 -6.44
N ALA A 255 -17.63 26.39 -5.48
CA ALA A 255 -16.25 26.55 -5.06
C ALA A 255 -15.29 26.30 -6.23
N LEU A 256 -15.55 25.26 -7.02
CA LEU A 256 -14.67 25.00 -8.15
C LEU A 256 -14.70 26.14 -9.16
N GLU A 257 -15.86 26.73 -9.40
CA GLU A 257 -15.95 27.83 -10.35
C GLU A 257 -15.18 29.03 -9.86
N ARG A 258 -15.32 29.36 -8.57
CA ARG A 258 -14.53 30.45 -8.03
C ARG A 258 -13.04 30.16 -8.15
N PHE A 259 -12.65 28.90 -7.94
CA PHE A 259 -11.25 28.52 -8.08
C PHE A 259 -10.76 28.77 -9.51
N ASP A 260 -11.54 28.33 -10.50
CA ASP A 260 -11.13 28.47 -11.89
C ASP A 260 -11.06 29.94 -12.30
N GLN A 261 -11.98 30.75 -11.80
CA GLN A 261 -11.94 32.19 -12.06
C GLN A 261 -10.67 32.81 -11.51
N ALA A 262 -10.35 32.50 -10.25
CA ALA A 262 -9.11 33.01 -9.67
C ALA A 262 -7.89 32.55 -10.47
N LEU A 263 -7.90 31.29 -10.94
CA LEU A 263 -6.79 30.78 -11.72
C LEU A 263 -6.58 31.60 -12.99
N LEU A 264 -7.64 31.74 -13.80
CA LEU A 264 -7.49 32.48 -15.05
C LEU A 264 -7.08 33.92 -14.78
N SER A 265 -7.63 34.53 -13.73
CA SER A 265 -7.27 35.90 -13.39
C SER A 265 -5.78 36.02 -13.08
N VAL A 266 -5.25 35.13 -12.24
CA VAL A 266 -3.84 35.26 -11.87
C VAL A 266 -2.92 34.93 -13.05
N LYS A 267 -3.36 34.04 -13.92
CA LYS A 267 -2.50 33.65 -15.05
C LYS A 267 -2.43 34.75 -16.09
N GLN A 268 -3.58 35.23 -16.56
CA GLN A 268 -3.57 36.14 -17.70
C GLN A 268 -2.81 37.41 -17.38
N SER A 269 -3.03 37.98 -16.20
CA SER A 269 -2.46 39.30 -15.90
C SER A 269 -1.02 39.19 -15.38
N VAL A 270 -0.84 38.55 -14.24
CA VAL A 270 0.49 38.47 -13.65
C VAL A 270 1.15 37.18 -14.11
N SER A 271 1.68 37.18 -15.33
CA SER A 271 2.40 36.03 -15.86
C SER A 271 3.78 36.03 -15.21
N GLY A 272 3.84 35.46 -14.00
CA GLY A 272 5.07 35.48 -13.25
C GLY A 272 6.18 34.75 -13.97
N THR A 273 7.35 35.36 -14.01
CA THR A 273 8.51 34.79 -14.66
C THR A 273 9.22 33.87 -13.65
N ASP A 274 10.47 33.51 -13.94
CA ASP A 274 11.21 32.61 -13.06
C ASP A 274 11.41 33.21 -11.67
N ALA A 275 11.51 34.54 -11.57
CA ALA A 275 11.94 35.16 -10.32
C ALA A 275 10.83 35.16 -9.27
N SER A 276 9.66 35.68 -9.61
CA SER A 276 8.57 35.79 -8.65
C SER A 276 8.05 34.41 -8.25
N ASP A 277 7.67 34.27 -6.98
CA ASP A 277 7.11 33.01 -6.49
C ASP A 277 5.69 32.78 -6.94
N LEU A 278 5.00 33.83 -7.40
CA LEU A 278 3.68 33.66 -7.97
C LEU A 278 3.65 32.59 -9.04
N SER A 279 4.72 32.45 -9.82
CA SER A 279 4.72 31.47 -10.90
C SER A 279 4.73 30.04 -10.36
N VAL A 280 5.58 29.77 -9.37
CA VAL A 280 5.63 28.40 -8.85
C VAL A 280 4.36 28.07 -8.06
N THR A 281 3.82 29.01 -7.28
CA THR A 281 2.57 28.73 -6.61
C THR A 281 1.45 28.53 -7.62
N PHE A 282 1.49 29.28 -8.72
CA PHE A 282 0.50 29.11 -9.77
C PHE A 282 0.60 27.73 -10.39
N TYR A 283 1.81 27.23 -10.60
CA TYR A 283 1.98 25.89 -11.16
C TYR A 283 1.46 24.82 -10.21
N GLU A 284 1.79 24.95 -8.92
CA GLU A 284 1.30 23.95 -7.97
C GLU A 284 -0.23 23.97 -7.87
N MET A 285 -0.83 25.15 -7.85
CA MET A 285 -2.29 25.18 -7.81
C MET A 285 -2.91 24.78 -9.13
N ARG A 286 -2.19 24.88 -10.25
CA ARG A 286 -2.72 24.30 -11.47
C ARG A 286 -2.81 22.79 -11.37
N GLY A 287 -1.75 22.16 -10.86
CA GLY A 287 -1.82 20.72 -10.63
C GLY A 287 -2.95 20.34 -9.69
N HIS A 288 -3.07 21.06 -8.58
CA HIS A 288 -4.13 20.77 -7.61
C HIS A 288 -5.52 21.00 -8.19
N TYR A 289 -5.67 22.03 -9.03
CA TYR A 289 -6.95 22.29 -9.67
C TYR A 289 -7.36 21.12 -10.55
N TYR A 290 -6.42 20.58 -11.33
CA TYR A 290 -6.77 19.45 -12.17
C TYR A 290 -7.10 18.21 -11.33
N MET A 291 -6.36 17.99 -10.24
CA MET A 291 -6.70 16.89 -9.35
C MET A 291 -8.12 17.02 -8.80
N HIS A 292 -8.49 18.21 -8.35
CA HIS A 292 -9.82 18.41 -7.80
C HIS A 292 -10.89 18.29 -8.88
N ALA A 293 -10.57 18.67 -10.11
CA ALA A 293 -11.48 18.42 -11.22
C ALA A 293 -11.77 16.93 -11.35
N GLY A 294 -10.73 16.11 -11.28
CA GLY A 294 -10.94 14.67 -11.32
C GLY A 294 -11.81 14.16 -10.17
N THR A 295 -11.54 14.66 -8.97
CA THR A 295 -12.33 14.23 -7.82
C THR A 295 -13.80 14.62 -7.97
N LEU A 296 -14.06 15.82 -8.49
CA LEU A 296 -15.44 16.27 -8.67
C LEU A 296 -16.14 15.42 -9.73
N LEU A 297 -15.44 15.06 -10.80
CA LEU A 297 -16.05 14.18 -11.79
C LEU A 297 -16.44 12.84 -11.17
N LEU A 298 -15.55 12.26 -10.38
CA LEU A 298 -15.88 10.98 -9.75
C LEU A 298 -17.03 11.14 -8.77
N LYS A 299 -17.11 12.26 -8.06
CA LYS A 299 -18.22 12.45 -7.13
C LYS A 299 -19.54 12.57 -7.87
N MET A 300 -19.57 13.30 -8.99
CA MET A 300 -20.78 13.33 -9.81
C MET A 300 -21.19 11.93 -10.22
N ALA A 301 -20.24 11.13 -10.70
CA ALA A 301 -20.58 9.79 -11.16
C ALA A 301 -21.11 8.92 -10.02
N GLN A 302 -20.49 9.00 -8.84
CA GLN A 302 -20.96 8.22 -7.70
C GLN A 302 -22.35 8.64 -7.26
N SER A 303 -22.56 9.95 -7.09
CA SER A 303 -23.83 10.45 -6.59
C SER A 303 -24.96 10.09 -7.54
N CYS A 304 -24.75 10.30 -8.85
CA CYS A 304 -25.83 10.02 -9.79
C CYS A 304 -26.20 8.54 -9.79
N GLU A 305 -25.32 7.68 -10.30
CA GLU A 305 -25.55 6.25 -10.21
C GLU A 305 -24.42 5.51 -9.49
N VAL A 306 -23.26 5.50 -10.12
CA VAL A 306 -22.00 4.99 -9.59
C VAL A 306 -20.99 5.43 -10.64
N GLN A 307 -19.71 5.40 -10.32
CA GLN A 307 -18.67 5.74 -11.27
C GLN A 307 -18.93 5.11 -12.63
N TRP A 308 -19.24 5.97 -13.61
CA TRP A 308 -19.75 5.58 -14.92
C TRP A 308 -18.64 5.07 -15.82
N LYS A 309 -19.01 4.88 -17.09
CA LYS A 309 -18.07 4.64 -18.16
C LYS A 309 -17.68 5.90 -18.92
N ALA A 310 -18.32 7.04 -18.62
CA ALA A 310 -18.05 8.29 -19.31
C ALA A 310 -17.34 9.31 -18.44
N LEU A 311 -17.14 9.03 -17.15
CA LEU A 311 -16.54 9.99 -16.25
C LEU A 311 -15.29 9.45 -15.55
N ILE A 312 -14.58 8.53 -16.17
CA ILE A 312 -13.27 8.11 -15.68
C ILE A 312 -12.14 8.59 -16.59
N GLU A 313 -12.37 8.64 -17.91
CA GLU A 313 -11.31 9.08 -18.81
C GLU A 313 -11.00 10.56 -18.67
N PRO A 314 -12.04 11.58 -18.59
CA PRO A 314 -12.11 13.25 -18.32
C PRO A 314 -11.30 13.28 -17.03
N ALA A 315 -11.74 12.50 -16.03
CA ALA A 315 -11.08 12.41 -14.72
C ALA A 315 -9.67 11.86 -14.83
N ALA A 316 -9.45 10.83 -15.65
CA ALA A 316 -8.08 10.26 -15.76
C ALA A 316 -7.14 11.32 -16.36
N LEU A 317 -7.61 12.04 -17.37
CA LEU A 317 -6.79 13.10 -18.02
C LEU A 317 -6.50 14.18 -16.97
N CYS A 318 -7.49 14.53 -16.16
CA CYS A 318 -7.28 15.59 -15.13
C CYS A 318 -6.21 15.12 -14.13
N TYR A 319 -6.27 13.85 -13.71
CA TYR A 319 -5.25 13.35 -12.75
C TYR A 319 -3.86 13.38 -13.40
N LEU A 320 -3.78 13.00 -14.67
CA LEU A 320 -2.48 12.94 -15.37
C LEU A 320 -1.74 14.30 -15.31
N LEU A 321 -2.34 15.36 -15.88
CA LEU A 321 -1.71 16.71 -15.96
C LEU A 321 -1.13 17.11 -14.61
N ALA A 322 -1.83 16.86 -13.51
CA ALA A 322 -1.28 17.30 -12.20
C ALA A 322 0.06 16.59 -11.94
N TYR A 323 0.11 15.28 -12.14
CA TYR A 323 1.39 14.55 -11.86
C TYR A 323 2.48 15.06 -12.80
N GLN A 324 2.12 15.28 -14.07
CA GLN A 324 3.10 15.72 -15.09
C GLN A 324 3.68 17.10 -14.79
N VAL A 325 2.90 18.07 -14.28
CA VAL A 325 3.58 19.39 -13.99
C VAL A 325 4.61 19.04 -12.90
N PRO A 326 6.07 19.38 -12.97
CA PRO A 326 7.24 19.03 -12.17
C PRO A 326 7.20 19.58 -10.74
N LYS A 327 7.63 18.75 -9.78
CA LYS A 327 7.68 19.16 -8.35
C LYS A 327 8.54 20.41 -8.28
N PRO A 328 8.09 21.65 -7.57
CA PRO A 328 8.61 23.01 -7.33
C PRO A 328 9.77 22.95 -6.35
N LYS A 329 10.89 23.54 -6.75
CA LYS A 329 12.11 23.48 -5.94
C LYS A 329 12.95 24.70 -6.30
N SER A 330 12.96 25.69 -5.41
CA SER A 330 13.86 26.83 -5.60
C SER A 330 15.25 26.52 -5.09
N LYS A 331 15.33 25.88 -3.92
CA LYS A 331 16.59 25.48 -3.30
C LYS A 331 17.58 26.65 -3.22
N PRO A 332 17.30 27.64 -2.37
CA PRO A 332 18.16 28.83 -2.25
C PRO A 332 19.34 28.60 -1.30
N ASP A 337 11.91 31.69 5.23
CA ASP A 337 11.33 32.71 4.33
C ASP A 337 10.58 32.01 3.19
N ASN A 338 9.26 32.25 3.08
CA ASN A 338 8.43 31.63 2.01
C ASN A 338 8.62 30.12 2.02
N GLY A 339 8.51 29.52 3.22
CA GLY A 339 8.65 28.09 3.51
C GLY A 339 8.32 27.17 2.35
N GLN A 340 9.25 27.04 1.40
CA GLN A 340 9.07 26.14 0.27
C GLN A 340 8.60 24.76 0.73
N GLY A 341 8.73 24.47 2.02
CA GLY A 341 8.26 23.22 2.58
C GLY A 341 6.80 22.95 2.28
N PHE A 342 5.96 23.99 2.35
CA PHE A 342 4.55 23.82 2.05
C PHE A 342 4.35 23.34 0.63
N LEU A 343 4.94 24.04 -0.34
CA LEU A 343 4.80 23.63 -1.73
C LEU A 343 5.42 22.26 -1.96
N GLU A 344 6.49 21.94 -1.24
CA GLU A 344 7.13 20.65 -1.40
C GLU A 344 6.22 19.51 -0.94
N GLU A 345 5.62 19.64 0.24
CA GLU A 345 4.74 18.58 0.72
C GLU A 345 3.43 18.54 -0.04
N LEU A 346 2.94 19.69 -0.51
CA LEU A 346 1.75 19.68 -1.37
C LEU A 346 2.04 18.98 -2.69
N ALA A 347 3.25 19.15 -3.22
CA ALA A 347 3.64 18.40 -4.41
C ALA A 347 3.74 16.92 -4.12
N PHE A 348 4.31 16.57 -2.95
CA PHE A 348 4.34 15.18 -2.52
C PHE A 348 2.94 14.58 -2.55
N ASP A 349 2.01 15.23 -1.85
CA ASP A 349 0.65 14.72 -1.75
C ASP A 349 0.00 14.60 -3.12
N ARG A 350 0.07 15.66 -3.92
CA ARG A 350 -0.59 15.66 -5.22
C ARG A 350 -0.05 14.55 -6.10
N GLN A 351 1.28 14.39 -6.14
CA GLN A 351 1.86 13.33 -6.95
C GLN A 351 1.45 11.95 -6.45
N SER A 352 1.53 11.73 -5.14
CA SER A 352 1.13 10.44 -4.57
C SER A 352 -0.30 10.09 -4.96
N LYS A 353 -1.24 10.99 -4.67
CA LYS A 353 -2.65 10.78 -4.95
C LYS A 353 -2.90 10.54 -6.44
N SER A 354 -2.46 11.47 -7.28
CA SER A 354 -2.65 11.36 -8.71
C SER A 354 -2.08 10.07 -9.27
N GLY A 355 -0.90 9.66 -8.81
CA GLY A 355 -0.31 8.44 -9.34
C GLY A 355 -1.07 7.20 -8.90
N HIS A 356 -1.41 7.12 -7.62
CA HIS A 356 -2.14 5.96 -7.14
C HIS A 356 -3.51 5.84 -7.81
N LEU A 357 -4.14 6.98 -8.12
CA LEU A 357 -5.44 6.96 -8.78
C LEU A 357 -5.32 6.82 -10.29
N LEU A 358 -4.13 7.01 -10.83
CA LEU A 358 -3.90 6.80 -12.25
C LEU A 358 -3.53 5.36 -12.56
N LEU A 359 -2.87 4.68 -11.63
CA LEU A 359 -2.62 3.25 -11.81
C LEU A 359 -3.91 2.45 -11.61
N THR A 360 -4.71 2.81 -10.61
CA THR A 360 -5.89 2.02 -10.28
C THR A 360 -7.01 2.24 -11.28
N LEU A 361 -6.95 3.36 -12.02
CA LEU A 361 -7.95 3.64 -13.07
C LEU A 361 -7.45 2.94 -14.32
N SER A 362 -6.18 3.21 -14.68
CA SER A 362 -5.54 2.57 -15.86
C SER A 362 -4.86 1.27 -15.43
N HIS A 363 -5.60 0.32 -14.85
CA HIS A 363 -4.95 -0.97 -14.49
C HIS A 363 -4.54 -1.68 -15.78
N GLY A 364 -5.41 -1.63 -16.79
CA GLY A 364 -5.10 -2.18 -18.12
C GLY A 364 -4.16 -1.22 -18.83
N LYS A 365 -3.14 -1.75 -19.51
CA LYS A 365 -2.16 -0.89 -20.24
C LYS A 365 -2.72 -0.48 -21.62
N GLN A 366 -2.05 0.48 -22.27
CA GLN A 366 -2.41 1.07 -23.59
C GLN A 366 -3.63 1.98 -23.41
N ASN A 367 -4.01 2.21 -22.14
CA ASN A 367 -5.15 3.11 -21.81
C ASN A 367 -4.66 4.56 -21.78
N PHE A 368 -3.49 4.81 -21.19
CA PHE A 368 -2.99 6.21 -21.11
C PHE A 368 -2.76 6.78 -22.51
N ILE A 369 -2.09 6.03 -23.40
CA ILE A 369 -1.80 6.56 -24.77
C ILE A 369 -3.09 7.00 -25.48
N SER A 370 -4.12 6.14 -25.50
CA SER A 370 -5.38 6.49 -26.19
C SER A 370 -6.03 7.72 -25.53
N GLU A 371 -6.03 7.77 -24.20
CA GLU A 371 -6.63 8.94 -23.50
C GLU A 371 -5.86 10.21 -23.87
N ILE A 372 -4.54 10.11 -23.91
CA ILE A 372 -3.66 11.28 -24.23
C ILE A 372 -3.95 11.75 -25.66
N ILE A 373 -4.16 10.82 -26.59
CA ILE A 373 -4.37 11.21 -28.01
C ILE A 373 -5.85 11.50 -28.29
N GLU A 374 -6.74 11.36 -27.31
CA GLU A 374 -8.17 11.63 -27.63
C GLU A 374 -8.81 12.71 -26.75
N THR A 375 -9.07 12.40 -25.48
CA THR A 375 -9.80 13.29 -24.58
C THR A 375 -9.20 14.69 -24.56
N PHE A 376 -8.01 14.87 -25.09
CA PHE A 376 -7.44 16.19 -25.27
C PHE A 376 -7.37 16.56 -26.74
N ALA A 377 -7.64 17.81 -27.04
CA ALA A 377 -7.42 18.38 -28.36
C ALA A 377 -7.34 19.89 -28.19
N ASN A 378 -7.43 20.61 -29.31
CA ASN A 378 -7.33 22.07 -29.25
C ASN A 378 -8.43 22.67 -28.38
N GLN A 379 -9.69 22.45 -28.74
CA GLN A 379 -10.78 23.01 -27.95
C GLN A 379 -11.80 21.94 -27.55
N CYS A 380 -12.05 20.97 -28.44
CA CYS A 380 -13.06 19.96 -28.14
C CYS A 380 -12.71 19.20 -26.87
N GLY A 381 -11.44 18.85 -26.69
CA GLY A 381 -11.03 18.16 -25.49
C GLY A 381 -11.32 18.97 -24.24
N GLN A 382 -10.95 20.24 -24.24
CA GLN A 382 -11.23 21.07 -23.08
C GLN A 382 -12.70 21.48 -23.00
N SER A 383 -13.42 21.47 -24.12
CA SER A 383 -14.85 21.79 -24.06
C SER A 383 -15.61 20.69 -23.32
N ILE A 384 -15.36 19.43 -23.67
CA ILE A 384 -16.06 18.33 -23.01
C ILE A 384 -15.57 18.11 -21.59
N LEU A 385 -14.45 18.72 -21.21
CA LEU A 385 -14.01 18.70 -19.81
C LEU A 385 -14.45 19.93 -19.03
N LEU A 386 -14.82 21.02 -19.70
CA LEU A 386 -15.34 22.20 -19.04
C LEU A 386 -16.84 22.15 -18.83
N LYS A 387 -17.59 21.60 -19.78
CA LYS A 387 -19.04 21.60 -19.67
C LYS A 387 -19.49 20.82 -18.44
N PHE A 388 -18.96 19.61 -18.24
CA PHE A 388 -19.34 18.80 -17.09
C PHE A 388 -19.17 19.54 -15.77
N LEU A 389 -18.01 20.16 -15.56
CA LEU A 389 -17.72 20.76 -14.26
C LEU A 389 -18.62 21.96 -13.98
N PHE A 390 -18.73 22.87 -14.93
CA PHE A 390 -19.56 24.07 -14.78
C PHE A 390 -20.50 24.11 -15.97
N GLU A 391 -21.70 23.56 -15.75
CA GLU A 391 -22.71 23.42 -16.84
C GLU A 391 -23.20 24.76 -17.37
N ASP A 392 -22.57 25.25 -18.45
CA ASP A 392 -23.08 26.43 -19.16
C ASP A 392 -23.22 27.64 -18.24
N ASN A 393 -22.36 27.76 -17.23
CA ASN A 393 -22.30 28.98 -16.43
C ASN A 393 -20.98 29.72 -16.65
N LEU A 394 -20.18 29.29 -17.61
CA LEU A 394 -18.90 29.91 -17.91
C LEU A 394 -18.59 29.74 -19.39
N SER A 395 -18.11 30.80 -20.01
CA SER A 395 -17.78 30.77 -21.43
C SER A 395 -16.54 29.93 -21.68
N MET A 396 -16.47 29.35 -22.89
CA MET A 396 -15.33 28.51 -23.24
C MET A 396 -14.08 29.36 -23.43
N GLN A 397 -14.14 30.37 -24.29
CA GLN A 397 -12.96 31.17 -24.59
C GLN A 397 -12.50 31.96 -23.38
N ASP A 398 -13.44 32.47 -22.59
CA ASP A 398 -13.13 33.41 -21.53
C ASP A 398 -13.35 32.75 -20.17
N SER A 399 -12.53 33.16 -19.21
CA SER A 399 -12.72 32.82 -17.80
C SER A 399 -12.81 31.31 -17.58
N PHE A 400 -11.97 30.55 -18.29
CA PHE A 400 -12.08 29.11 -18.30
C PHE A 400 -10.70 28.49 -18.38
N MET A 401 -10.67 27.18 -18.62
CA MET A 401 -9.45 26.45 -18.83
C MET A 401 -8.97 26.51 -20.28
N GLY A 402 -9.67 27.25 -21.14
CA GLY A 402 -9.26 27.34 -22.53
C GLY A 402 -7.92 28.02 -22.70
N SER A 403 -7.66 29.06 -21.90
CA SER A 403 -6.42 29.81 -22.02
C SER A 403 -5.21 28.97 -21.61
N ASP A 404 -5.42 27.85 -20.93
CA ASP A 404 -4.33 26.95 -20.57
C ASP A 404 -4.11 25.92 -21.66
N ASP A 405 -2.86 25.78 -22.11
CA ASP A 405 -2.49 24.82 -23.14
C ASP A 405 -1.92 23.56 -22.50
N ILE A 406 -2.27 22.42 -23.09
CA ILE A 406 -2.05 21.13 -22.45
C ILE A 406 -1.23 20.22 -23.37
N SER A 407 -1.17 20.57 -24.65
CA SER A 407 -0.56 19.71 -25.66
C SER A 407 0.87 19.32 -25.33
N TYR A 408 1.47 20.00 -24.35
CA TYR A 408 2.83 19.74 -23.86
C TYR A 408 2.94 18.49 -23.02
N VAL A 409 1.93 17.66 -22.82
CA VAL A 409 2.03 16.51 -21.91
C VAL A 409 2.12 15.24 -22.73
N GLU A 410 2.90 14.29 -22.24
CA GLU A 410 3.16 13.02 -22.92
C GLU A 410 2.97 11.85 -21.96
N ASN A 411 3.14 10.64 -22.49
CA ASN A 411 2.87 9.42 -21.76
C ASN A 411 4.02 9.09 -20.82
N ARG A 412 3.70 8.98 -19.54
CA ARG A 412 4.72 8.60 -18.52
C ARG A 412 4.01 8.12 -17.26
N VAL A 413 3.76 6.80 -17.18
CA VAL A 413 3.12 6.23 -16.00
C VAL A 413 4.08 6.33 -14.82
N PRO A 414 3.59 6.65 -13.62
CA PRO A 414 4.47 6.72 -12.45
C PRO A 414 5.25 5.43 -12.23
N ASP A 415 6.42 5.56 -11.61
CA ASP A 415 7.26 4.44 -11.25
C ASP A 415 6.90 3.91 -9.87
N LEU A 416 7.10 2.61 -9.68
CA LEU A 416 6.79 1.98 -8.41
C LEU A 416 7.82 2.30 -7.32
N SER A 417 8.96 2.89 -7.69
CA SER A 417 9.90 3.37 -6.69
C SER A 417 9.61 4.82 -6.33
N GLU A 418 9.39 5.66 -7.33
CA GLU A 418 9.01 7.05 -7.07
C GLU A 418 7.71 7.13 -6.28
N LEU A 419 6.78 6.21 -6.56
CA LEU A 419 5.51 6.24 -5.85
C LEU A 419 5.69 5.99 -4.36
N SER A 420 6.57 5.07 -4.00
CA SER A 420 6.78 4.79 -2.58
C SER A 420 7.41 5.98 -1.86
N GLN A 421 8.33 6.68 -2.51
CA GLN A 421 8.89 7.88 -1.89
C GLN A 421 7.85 8.99 -1.81
N HIS A 422 6.99 9.10 -2.82
CA HIS A 422 5.92 10.10 -2.75
C HIS A 422 4.95 9.79 -1.64
N ASP A 423 4.70 8.51 -1.37
CA ASP A 423 3.86 8.15 -0.22
C ASP A 423 4.56 8.47 1.09
N ASN A 424 5.85 8.13 1.19
CA ASN A 424 6.65 8.46 2.36
C ASN A 424 6.72 9.95 2.61
N GLY A 425 6.55 10.76 1.58
CA GLY A 425 6.48 12.19 1.77
C GLY A 425 5.08 12.62 2.15
N SER A 426 4.07 12.07 1.47
CA SER A 426 2.69 12.42 1.76
C SER A 426 2.34 12.14 3.21
N LEU A 427 3.05 11.21 3.84
CA LEU A 427 2.87 10.97 5.27
C LEU A 427 3.32 12.13 6.14
N ARG A 428 3.71 13.25 5.53
CA ARG A 428 4.10 14.43 6.30
C ARG A 428 2.92 15.33 6.69
N ILE A 429 1.79 15.24 5.99
CA ILE A 429 0.60 16.01 6.34
C ILE A 429 -0.53 15.11 6.80
N HIS A 430 -0.27 13.82 6.98
CA HIS A 430 -1.26 12.84 7.44
C HIS A 430 -0.68 12.00 8.55
N ASN A 431 -0.12 12.65 9.56
CA ASN A 431 0.51 11.93 10.65
C ASN A 431 -0.47 11.01 11.36
N GLY A 432 -0.30 9.70 11.17
CA GLY A 432 -1.09 8.73 11.91
C GLY A 432 -2.59 8.82 11.68
N ASP A 433 -3.01 9.12 10.45
CA ASP A 433 -4.41 9.12 10.11
C ASP A 433 -4.80 7.70 9.69
N LEU A 434 -5.61 7.04 10.51
CA LEU A 434 -5.97 5.65 10.25
C LEU A 434 -6.64 5.52 8.89
N GLN A 435 -7.50 6.47 8.55
CA GLN A 435 -8.17 6.45 7.26
C GLN A 435 -7.17 6.53 6.11
N HIS A 436 -6.25 7.49 6.18
CA HIS A 436 -5.25 7.66 5.13
C HIS A 436 -4.35 6.44 5.02
N LEU A 437 -3.91 5.90 6.17
CA LEU A 437 -3.03 4.74 6.15
C LEU A 437 -3.72 3.52 5.55
N THR A 438 -4.96 3.26 5.94
CA THR A 438 -5.66 2.11 5.38
C THR A 438 -5.98 2.33 3.91
N TRP A 439 -6.19 3.58 3.50
CA TRP A 439 -6.40 3.85 2.08
C TRP A 439 -5.14 3.56 1.27
N LEU A 440 -3.98 4.00 1.75
CA LEU A 440 -2.73 3.69 1.08
C LEU A 440 -2.45 2.20 1.07
N GLY A 441 -2.68 1.54 2.21
CA GLY A 441 -2.51 0.09 2.25
C GLY A 441 -3.37 -0.62 1.24
N LEU A 442 -4.64 -0.21 1.14
CA LEU A 442 -5.54 -0.81 0.17
C LEU A 442 -5.07 -0.56 -1.26
N GLN A 443 -4.56 0.64 -1.53
CA GLN A 443 -4.13 0.96 -2.89
C GLN A 443 -2.90 0.14 -3.26
N TRP A 444 -1.96 -0.02 -2.34
CA TRP A 444 -0.83 -0.92 -2.61
C TRP A 444 -1.30 -2.35 -2.81
N HIS A 445 -2.23 -2.80 -1.97
CA HIS A 445 -2.72 -4.17 -2.06
C HIS A 445 -3.40 -4.43 -3.40
N PHE A 446 -4.08 -3.42 -3.95
CA PHE A 446 -4.68 -3.58 -5.27
C PHE A 446 -3.66 -3.74 -6.38
N LEU A 447 -2.43 -3.26 -6.17
CA LEU A 447 -1.37 -3.42 -7.16
C LEU A 447 -0.59 -4.72 -6.98
N SER A 448 -1.07 -5.61 -6.12
CA SER A 448 -0.54 -6.97 -5.97
C SER A 448 0.90 -7.00 -5.47
N THR A 449 1.32 -5.99 -4.71
CA THR A 449 2.61 -5.98 -4.06
C THR A 449 2.45 -5.46 -2.64
N LEU A 450 3.09 -6.10 -1.69
CA LEU A 450 2.90 -5.72 -0.29
C LEU A 450 3.47 -4.33 -0.04
N PRO A 451 2.85 -3.54 0.84
CA PRO A 451 3.30 -2.16 1.02
C PRO A 451 4.52 -2.10 1.93
N PRO A 452 5.32 -1.04 1.82
CA PRO A 452 6.43 -0.86 2.76
C PRO A 452 5.98 -0.34 4.11
N LEU A 453 5.45 -1.20 4.96
CA LEU A 453 4.87 -0.75 6.22
C LEU A 453 5.92 -0.25 7.20
N ARG A 454 7.14 -0.79 7.14
CA ARG A 454 8.12 -0.42 8.16
C ARG A 454 8.67 0.99 7.98
N LYS A 455 8.84 1.46 6.74
CA LYS A 455 9.26 2.84 6.55
C LYS A 455 8.22 3.81 7.08
N TRP A 456 6.95 3.58 6.72
CA TRP A 456 5.88 4.46 7.21
C TRP A 456 5.79 4.41 8.73
N LEU A 457 5.88 3.22 9.32
CA LEU A 457 5.75 3.12 10.76
C LEU A 457 6.97 3.67 11.49
N LYS A 458 8.14 3.67 10.87
CA LYS A 458 9.29 4.35 11.43
C LYS A 458 9.18 5.86 11.29
N GLN A 459 8.44 6.34 10.30
CA GLN A 459 8.21 7.78 10.14
C GLN A 459 7.19 8.29 11.16
N ILE A 460 6.03 7.64 11.22
CA ILE A 460 4.96 8.01 12.16
C ILE A 460 5.48 7.93 13.59
N PHE A 461 5.86 6.72 14.02
CA PHE A 461 6.49 6.53 15.33
C PHE A 461 7.98 6.35 15.13
N PRO A 462 8.82 7.25 15.63
CA PRO A 462 10.26 7.11 15.41
C PRO A 462 10.93 6.08 16.30
N ARG A 463 10.56 6.05 17.58
CA ARG A 463 11.42 5.43 18.58
C ARG A 463 11.01 4.01 18.98
N VAL A 464 9.76 3.63 18.77
CA VAL A 464 9.21 2.38 19.33
C VAL A 464 10.12 1.19 19.03
N PRO A 465 10.46 0.40 20.05
CA PRO A 465 11.29 -0.80 19.84
C PRO A 465 10.83 -1.66 18.68
N GLN A 466 11.76 -2.32 18.01
CA GLN A 466 11.40 -3.16 16.88
C GLN A 466 10.97 -4.57 17.30
N GLU A 467 11.25 -4.98 18.53
CA GLU A 467 10.77 -6.26 19.05
C GLU A 467 10.69 -6.15 20.57
N THR A 468 10.24 -7.23 21.19
CA THR A 468 9.99 -7.25 22.62
C THR A 468 10.76 -8.41 23.25
N SER A 469 10.97 -8.30 24.56
CA SER A 469 11.69 -9.34 25.28
C SER A 469 10.90 -10.64 25.30
N ARG A 470 9.62 -10.56 25.66
CA ARG A 470 8.77 -11.73 25.77
C ARG A 470 7.50 -11.52 24.96
N LEU A 471 7.08 -12.57 24.26
CA LEU A 471 5.80 -12.57 23.57
C LEU A 471 4.71 -13.22 24.41
N GLU A 472 5.02 -13.64 25.63
CA GLU A 472 4.08 -14.34 26.50
C GLU A 472 3.35 -13.42 27.47
N SER A 473 3.78 -12.17 27.57
CA SER A 473 3.23 -11.23 28.56
C SER A 473 2.37 -10.20 27.84
N ASN A 474 1.12 -10.06 28.30
CA ASN A 474 0.20 -9.07 27.75
C ASN A 474 0.23 -7.84 28.65
N ILE A 475 1.22 -6.99 28.42
CA ILE A 475 1.41 -5.75 29.18
C ILE A 475 1.26 -4.59 28.20
N PRO A 476 0.47 -3.56 28.53
CA PRO A 476 0.20 -2.50 27.55
C PRO A 476 1.40 -1.62 27.26
N GLU A 477 2.26 -1.37 28.24
CA GLU A 477 3.36 -0.45 28.08
C GLU A 477 4.60 -1.11 27.47
N SER A 478 4.41 -2.14 26.64
CA SER A 478 5.51 -2.82 25.95
C SER A 478 5.16 -3.01 24.48
N ILE A 479 4.71 -1.94 23.83
CA ILE A 479 4.28 -1.97 22.44
C ILE A 479 5.50 -2.08 21.55
N CYS A 480 5.51 -3.09 20.68
CA CYS A 480 6.57 -3.23 19.69
C CYS A 480 6.04 -2.84 18.32
N LEU A 481 6.97 -2.39 17.47
CA LEU A 481 6.59 -1.90 16.15
C LEU A 481 6.01 -3.03 15.29
N LEU A 482 6.44 -4.26 15.54
CA LEU A 482 5.87 -5.38 14.80
C LEU A 482 4.40 -5.58 15.16
N ASP A 483 4.00 -5.21 16.37
CA ASP A 483 2.59 -5.28 16.73
C ASP A 483 1.75 -4.35 15.85
N LEU A 484 2.20 -3.10 15.69
CA LEU A 484 1.47 -2.17 14.85
C LEU A 484 1.49 -2.60 13.39
N GLU A 485 2.62 -3.13 12.93
CA GLU A 485 2.67 -3.64 11.56
C GLU A 485 1.63 -4.74 11.35
N VAL A 486 1.51 -5.64 12.33
CA VAL A 486 0.55 -6.73 12.26
C VAL A 486 -0.88 -6.22 12.30
N PHE A 487 -1.15 -5.24 13.16
CA PHE A 487 -2.47 -4.64 13.26
C PHE A 487 -2.89 -4.02 11.94
N LEU A 488 -1.97 -3.29 11.29
CA LEU A 488 -2.28 -2.65 10.03
C LEU A 488 -2.49 -3.68 8.93
N LEU A 489 -1.69 -4.74 8.90
CA LEU A 489 -1.94 -5.81 7.94
C LEU A 489 -3.35 -6.36 8.08
N ALA A 490 -3.76 -6.62 9.33
CA ALA A 490 -5.09 -7.21 9.55
C ALA A 490 -6.20 -6.25 9.16
N VAL A 491 -6.06 -4.96 9.51
CA VAL A 491 -7.09 -4.00 9.16
C VAL A 491 -7.23 -3.87 7.66
N VAL A 492 -6.09 -3.82 6.95
CA VAL A 492 -6.14 -3.69 5.51
C VAL A 492 -6.86 -4.88 4.89
N GLN A 493 -6.52 -6.10 5.33
CA GLN A 493 -7.17 -7.26 4.71
C GLN A 493 -8.66 -7.34 5.04
N THR A 494 -9.04 -7.03 6.29
CA THR A 494 -10.46 -7.10 6.63
C THR A 494 -11.26 -6.06 5.86
N SER A 495 -10.76 -4.83 5.76
CA SER A 495 -11.48 -3.81 5.01
C SER A 495 -11.56 -4.16 3.53
N TYR A 496 -10.48 -4.73 2.99
CA TYR A 496 -10.52 -5.15 1.59
C TYR A 496 -11.60 -6.18 1.35
N LEU A 497 -11.68 -7.21 2.20
CA LEU A 497 -12.71 -8.23 2.03
C LEU A 497 -14.10 -7.65 2.23
N GLN A 498 -14.27 -6.78 3.23
CA GLN A 498 -15.56 -6.18 3.49
C GLN A 498 -16.06 -5.41 2.27
N LEU A 499 -15.21 -4.58 1.68
CA LEU A 499 -15.65 -3.86 0.48
C LEU A 499 -15.86 -4.82 -0.68
N GLN A 500 -15.06 -5.89 -0.76
CA GLN A 500 -15.24 -6.87 -1.82
C GLN A 500 -16.62 -7.50 -1.76
N ASP A 501 -17.17 -7.67 -0.56
CA ASP A 501 -18.51 -8.21 -0.47
C ASP A 501 -19.60 -7.15 -0.50
N ASN A 502 -19.25 -5.87 -0.53
CA ASN A 502 -20.24 -4.81 -0.48
C ASN A 502 -20.79 -4.50 -1.87
N ASN A 503 -21.31 -5.53 -2.55
CA ASN A 503 -21.95 -5.39 -3.86
C ASN A 503 -21.05 -4.64 -4.84
N THR A 504 -19.75 -4.93 -4.79
CA THR A 504 -18.85 -4.56 -5.86
C THR A 504 -18.81 -5.62 -6.96
N THR A 505 -19.30 -6.82 -6.65
CA THR A 505 -19.43 -7.89 -7.63
C THR A 505 -20.74 -7.85 -8.39
N ALA A 506 -21.74 -7.13 -7.88
CA ALA A 506 -23.03 -6.96 -8.53
C ALA A 506 -23.65 -8.29 -8.96
N ASN A 509 -18.77 0.14 -10.58
CA ASN A 509 -17.76 0.83 -9.79
C ASN A 509 -16.37 0.60 -10.36
N ARG A 510 -15.85 1.60 -11.07
CA ARG A 510 -14.56 1.46 -11.74
C ARG A 510 -13.39 1.75 -10.79
N PRO A 511 -13.35 2.87 -10.07
CA PRO A 511 -12.30 3.04 -9.06
C PRO A 511 -12.56 2.15 -7.87
N ARG A 512 -11.67 1.19 -7.65
CA ARG A 512 -11.91 0.20 -6.61
C ARG A 512 -11.91 0.84 -5.22
N CYS A 513 -11.11 1.87 -5.03
CA CYS A 513 -10.93 2.43 -3.69
C CYS A 513 -11.46 3.83 -3.51
N LEU A 514 -11.88 4.52 -4.59
CA LEU A 514 -12.61 5.78 -4.45
C LEU A 514 -11.87 6.87 -3.66
N PRO A 515 -11.12 7.73 -4.36
CA PRO A 515 -10.14 8.61 -3.71
C PRO A 515 -10.56 9.20 -2.37
N LEU A 516 -9.55 9.45 -1.55
CA LEU A 516 -9.72 9.63 -0.10
C LEU A 516 -10.93 10.47 0.30
N PRO A 517 -11.09 11.72 -0.19
CA PRO A 517 -12.18 12.55 0.38
C PRO A 517 -13.57 12.00 0.09
N ILE A 518 -13.78 11.34 -1.04
CA ILE A 518 -15.13 10.96 -1.43
C ILE A 518 -15.58 9.69 -0.71
N CYS A 519 -14.67 8.77 -0.41
CA CYS A 519 -15.06 7.46 0.11
C CYS A 519 -15.38 7.54 1.60
N LYS A 520 -16.09 6.51 2.08
CA LYS A 520 -16.57 6.45 3.45
C LYS A 520 -15.54 5.73 4.32
N GLN A 521 -15.92 5.42 5.56
CA GLN A 521 -15.01 4.77 6.48
C GLN A 521 -14.66 3.36 5.98
N LEU A 522 -13.38 3.03 6.05
CA LEU A 522 -12.90 1.72 5.60
C LEU A 522 -12.65 0.76 6.75
N PHE A 523 -12.29 1.27 7.92
CA PHE A 523 -12.11 0.44 9.11
C PHE A 523 -13.36 0.47 9.98
N THR A 524 -13.49 -0.54 10.83
CA THR A 524 -14.61 -0.62 11.75
C THR A 524 -14.36 0.24 12.98
N ASP A 525 -15.32 0.23 13.90
CA ASP A 525 -15.26 1.16 15.02
C ASP A 525 -14.28 0.72 16.09
N ARG A 526 -14.22 -0.59 16.36
CA ARG A 526 -13.31 -1.09 17.40
C ARG A 526 -11.86 -0.86 17.02
N GLN A 527 -11.52 -1.09 15.74
CA GLN A 527 -10.19 -0.78 15.27
C GLN A 527 -9.86 0.69 15.50
N ARG A 528 -10.81 1.57 15.22
CA ARG A 528 -10.58 3.00 15.45
C ARG A 528 -10.31 3.27 16.92
N SER A 529 -11.11 2.69 17.81
CA SER A 529 -10.89 2.92 19.23
C SER A 529 -9.52 2.44 19.67
N TRP A 530 -9.11 1.24 19.22
CA TRP A 530 -7.82 0.71 19.64
C TRP A 530 -6.68 1.55 19.08
N TRP A 531 -6.74 1.90 17.81
CA TRP A 531 -5.66 2.69 17.21
C TRP A 531 -5.56 4.05 17.87
N ASP A 532 -6.70 4.66 18.21
CA ASP A 532 -6.66 5.95 18.89
C ASP A 532 -6.06 5.81 20.28
N ALA A 533 -6.38 4.73 20.99
CA ALA A 533 -5.78 4.51 22.30
C ALA A 533 -4.27 4.30 22.18
N VAL A 534 -3.84 3.53 21.18
CA VAL A 534 -2.41 3.32 20.97
C VAL A 534 -1.71 4.63 20.66
N TYR A 535 -2.30 5.43 19.78
CA TYR A 535 -1.70 6.71 19.44
C TYR A 535 -1.64 7.64 20.64
N SER A 536 -2.67 7.63 21.47
CA SER A 536 -2.64 8.46 22.67
C SER A 536 -1.57 7.99 23.64
N LEU A 537 -1.33 6.69 23.70
CA LEU A 537 -0.27 6.17 24.57
C LEU A 537 1.11 6.55 24.04
N ILE A 538 1.33 6.38 22.74
CA ILE A 538 2.67 6.55 22.18
C ILE A 538 3.08 8.02 22.20
N THR A 539 2.25 8.88 21.60
CA THR A 539 2.63 10.27 21.36
C THR A 539 2.15 11.21 22.46
N LYS A 540 2.12 10.76 23.70
CA LYS A 540 1.79 11.64 24.81
C LYS A 540 3.02 12.47 25.16
N ALA A 548 -4.73 8.04 35.10
CA ALA A 548 -6.14 7.87 34.77
C ALA A 548 -6.32 7.63 33.29
N LYS A 549 -5.55 6.69 32.74
CA LYS A 549 -5.72 6.26 31.36
C LYS A 549 -6.29 4.86 31.37
N LEU A 550 -7.48 4.69 30.82
CA LEU A 550 -8.10 3.36 30.68
C LEU A 550 -7.49 2.67 29.48
N ARG A 551 -6.76 1.60 29.71
CA ARG A 551 -6.04 0.90 28.65
C ARG A 551 -6.59 -0.51 28.40
N SER A 552 -7.83 -0.75 28.82
CA SER A 552 -8.40 -2.09 28.67
C SER A 552 -8.49 -2.50 27.21
N VAL A 553 -8.74 -1.54 26.33
CA VAL A 553 -8.73 -1.84 24.90
C VAL A 553 -7.34 -2.25 24.45
N ILE A 554 -6.32 -1.48 24.86
CA ILE A 554 -4.94 -1.85 24.52
C ILE A 554 -4.63 -3.26 24.98
N GLN A 555 -4.92 -3.56 26.25
CA GLN A 555 -4.55 -4.86 26.80
C GLN A 555 -5.32 -5.99 26.13
N HIS A 556 -6.63 -5.81 25.97
CA HIS A 556 -7.45 -6.87 25.40
C HIS A 556 -7.03 -7.16 23.96
N ASP A 557 -6.89 -6.12 23.14
CA ASP A 557 -6.49 -6.37 21.77
C ASP A 557 -5.03 -6.77 21.65
N LEU A 558 -4.19 -6.46 22.64
CA LEU A 558 -2.83 -6.98 22.63
C LEU A 558 -2.83 -8.49 22.87
N THR A 559 -3.63 -8.94 23.83
CA THR A 559 -3.84 -10.38 23.99
C THR A 559 -4.29 -11.00 22.67
N THR A 560 -5.21 -10.33 21.99
CA THR A 560 -5.64 -10.81 20.68
C THR A 560 -4.48 -10.83 19.69
N LEU A 561 -3.60 -9.83 19.76
CA LEU A 561 -2.59 -9.64 18.74
C LEU A 561 -1.45 -10.64 18.85
N ARG A 562 -0.97 -10.90 20.06
CA ARG A 562 0.16 -11.81 20.23
C ARG A 562 -0.24 -13.28 20.26
N ALA A 563 -1.48 -13.62 19.88
CA ALA A 563 -1.99 -14.99 19.93
C ALA A 563 -1.84 -15.59 21.33
N GLN A 564 -2.14 -14.79 22.34
CA GLN A 564 -2.01 -15.16 23.75
C GLN A 564 -3.30 -15.78 24.25
N GLU A 565 -3.47 -15.73 25.58
CA GLU A 565 -4.26 -16.65 26.42
C GLU A 565 -5.49 -17.13 25.66
N LYS A 566 -6.38 -16.24 25.23
CA LYS A 566 -7.54 -16.65 24.43
C LYS A 566 -7.80 -15.59 23.37
N HIS A 567 -7.80 -16.03 22.11
CA HIS A 567 -8.01 -15.13 20.95
C HIS A 567 -9.18 -15.64 20.10
N GLY A 568 -9.89 -14.73 19.43
CA GLY A 568 -11.03 -15.13 18.57
C GLY A 568 -10.64 -15.21 17.10
N LEU A 569 -9.46 -14.70 16.73
CA LEU A 569 -9.03 -14.71 15.31
C LEU A 569 -8.93 -16.15 14.82
N GLN A 570 -9.39 -16.43 13.60
CA GLN A 570 -9.24 -17.80 13.03
C GLN A 570 -7.94 -17.87 12.22
N PRO A 571 -7.66 -18.98 11.51
CA PRO A 571 -6.39 -19.15 10.78
C PRO A 571 -6.04 -18.13 9.69
N ALA A 572 -7.00 -17.73 8.86
CA ALA A 572 -6.76 -16.80 7.72
C ALA A 572 -5.91 -15.59 8.11
N VAL A 573 -6.01 -15.13 9.36
CA VAL A 573 -5.30 -13.95 9.83
C VAL A 573 -3.89 -14.31 10.26
N LEU A 574 -3.74 -15.39 11.02
CA LEU A 574 -2.41 -15.83 11.45
C LEU A 574 -1.54 -16.19 10.26
N VAL A 575 -2.10 -16.90 9.29
CA VAL A 575 -1.30 -17.32 8.14
C VAL A 575 -0.84 -16.11 7.33
N ASN A 576 -1.72 -15.12 7.15
CA ASN A 576 -1.32 -13.90 6.48
C ASN A 576 -0.19 -13.21 7.23
N TRP A 577 -0.35 -13.08 8.54
CA TRP A 577 0.71 -12.48 9.37
C TRP A 577 2.04 -13.19 9.16
N ALA A 578 2.03 -14.52 9.21
CA ALA A 578 3.27 -15.28 9.14
C ALA A 578 3.94 -15.12 7.77
N ARG A 579 3.16 -15.24 6.69
CA ARG A 579 3.76 -15.07 5.37
C ARG A 579 4.33 -13.67 5.17
N GLY A 580 3.62 -12.65 5.66
CA GLY A 580 4.12 -11.29 5.49
C GLY A 580 5.42 -11.06 6.23
N LEU A 581 5.46 -11.45 7.51
CA LEU A 581 6.69 -11.28 8.27
C LEU A 581 7.82 -12.09 7.66
N HIS A 582 7.53 -13.29 7.16
CA HIS A 582 8.52 -14.12 6.50
C HIS A 582 9.18 -13.39 5.36
N LYS A 583 8.38 -12.90 4.41
CA LYS A 583 8.95 -12.23 3.25
C LYS A 583 9.71 -10.97 3.65
N THR A 584 9.12 -10.15 4.52
CA THR A 584 9.75 -8.89 4.89
C THR A 584 11.10 -9.13 5.56
N GLY A 585 11.18 -10.15 6.41
CA GLY A 585 12.45 -10.46 7.05
C GLY A 585 13.46 -11.06 6.10
N TYR A 586 13.01 -11.99 5.24
CA TYR A 586 13.96 -12.74 4.41
C TYR A 586 14.59 -11.83 3.36
N SER A 587 13.81 -10.90 2.80
CA SER A 587 14.38 -9.95 1.84
C SER A 587 15.56 -9.20 2.43
N LEU A 588 15.42 -8.69 3.66
CA LEU A 588 16.44 -7.87 4.27
C LEU A 588 17.74 -8.65 4.47
N ASN A 589 18.82 -7.90 4.69
CA ASN A 589 20.16 -8.50 4.85
C ASN A 589 20.64 -8.51 6.29
N SER A 590 20.38 -7.44 7.06
CA SER A 590 20.95 -7.30 8.39
C SER A 590 20.57 -8.47 9.27
N PHE A 591 21.58 -9.11 9.86
CA PHE A 591 21.37 -10.34 10.60
C PHE A 591 20.41 -10.14 11.77
N TYR A 592 20.61 -9.08 12.56
CA TYR A 592 19.76 -8.79 13.69
C TYR A 592 18.35 -8.41 13.30
N ASP A 593 18.07 -8.39 12.00
CA ASP A 593 16.73 -8.05 11.46
C ASP A 593 16.08 -9.33 10.92
N GLN A 594 16.86 -10.15 10.20
CA GLN A 594 16.31 -11.42 9.65
C GLN A 594 15.88 -12.30 10.82
N LYS A 595 16.70 -12.39 11.86
CA LYS A 595 16.33 -13.20 13.05
C LYS A 595 15.01 -12.69 13.61
N GLU A 596 14.88 -11.37 13.80
CA GLU A 596 13.65 -10.79 14.40
C GLU A 596 12.44 -11.17 13.54
N TYR A 597 12.56 -11.04 12.22
CA TYR A 597 11.39 -11.39 11.37
C TYR A 597 11.10 -12.90 11.47
N MET A 598 12.14 -13.72 11.57
CA MET A 598 11.98 -15.20 11.65
C MET A 598 11.50 -15.63 13.04
N GLY A 599 11.85 -14.87 14.10
CA GLY A 599 11.35 -15.24 15.40
C GLY A 599 9.85 -15.02 15.52
N ARG A 600 9.37 -13.84 15.11
CA ARG A 600 7.93 -13.60 15.13
C ARG A 600 7.19 -14.54 14.18
N CYS A 601 7.76 -14.81 13.01
CA CYS A 601 7.12 -15.71 12.06
C CYS A 601 6.96 -17.11 12.63
N VAL A 602 8.03 -17.66 13.20
CA VAL A 602 7.93 -18.99 13.82
C VAL A 602 6.98 -18.96 15.00
N HIS A 603 6.94 -17.86 15.74
CA HIS A 603 6.00 -17.76 16.85
C HIS A 603 4.56 -17.88 16.39
N TYR A 604 4.21 -17.16 15.32
CA TYR A 604 2.84 -17.22 14.82
C TYR A 604 2.54 -18.61 14.26
N TRP A 605 3.47 -19.22 13.54
CA TRP A 605 3.19 -20.57 13.04
C TRP A 605 3.04 -21.58 14.17
N LYS A 606 3.84 -21.45 15.22
CA LYS A 606 3.72 -22.39 16.33
C LYS A 606 2.46 -22.15 17.16
N LYS A 607 1.96 -20.91 17.21
CA LYS A 607 0.66 -20.70 17.84
C LYS A 607 -0.48 -21.18 16.96
N LEU A 608 -0.29 -21.18 15.64
CA LEU A 608 -1.29 -21.76 14.77
C LEU A 608 -1.28 -23.28 14.87
N LEU A 609 -0.14 -23.87 15.23
CA LEU A 609 0.02 -25.31 15.31
C LEU A 609 -1.11 -26.01 16.08
N PRO A 610 -1.39 -25.65 17.34
CA PRO A 610 -2.43 -26.41 18.07
C PRO A 610 -3.84 -26.14 17.55
N LEU A 611 -4.16 -24.91 17.20
CA LEU A 611 -5.52 -24.57 16.77
C LEU A 611 -5.88 -25.28 15.46
N LEU A 612 -4.97 -25.26 14.49
CA LEU A 612 -5.23 -25.92 13.21
C LEU A 612 -5.36 -27.42 13.42
N ASP A 613 -4.95 -27.92 14.58
CA ASP A 613 -5.16 -29.33 14.88
C ASP A 613 -6.62 -29.60 15.24
N LEU A 614 -7.34 -28.58 15.69
CA LEU A 614 -8.73 -28.74 16.07
C LEU A 614 -9.60 -28.96 14.83
N VAL A 615 -8.97 -29.08 13.66
CA VAL A 615 -9.73 -29.38 12.45
C VAL A 615 -9.88 -30.88 12.35
N LYS A 616 -10.82 -31.43 13.12
CA LYS A 616 -11.36 -32.78 12.94
C LYS A 616 -12.87 -32.67 13.10
N GLN A 617 -13.57 -32.29 12.04
CA GLN A 617 -15.02 -32.15 12.08
C GLN A 617 -15.47 -31.43 13.34
N LYS A 618 -14.79 -30.33 13.66
CA LYS A 618 -14.97 -29.69 14.96
C LYS A 618 -15.07 -28.19 14.80
N LYS A 619 -15.72 -27.56 15.77
CA LYS A 619 -15.81 -26.11 15.81
C LYS A 619 -14.44 -25.51 16.06
N SER A 620 -14.08 -24.50 15.27
CA SER A 620 -12.77 -23.89 15.44
C SER A 620 -12.71 -23.15 16.76
N ILE A 621 -13.45 -22.05 16.86
CA ILE A 621 -13.52 -21.26 18.09
C ILE A 621 -14.86 -20.54 18.13
N PRO A 622 -15.71 -20.81 19.12
CA PRO A 622 -17.00 -20.13 19.19
C PRO A 622 -16.83 -18.65 19.47
N GLU A 623 -17.13 -17.81 18.49
CA GLU A 623 -17.05 -16.36 18.66
C GLU A 623 -18.42 -15.76 18.33
N PRO A 624 -19.43 -15.98 19.18
CA PRO A 624 -20.71 -15.31 18.95
C PRO A 624 -20.59 -13.80 18.89
N VAL A 625 -19.66 -13.21 19.64
CA VAL A 625 -19.36 -11.80 19.48
C VAL A 625 -18.14 -11.65 18.57
N ASP A 626 -18.07 -10.53 17.90
CA ASP A 626 -16.94 -10.23 17.02
C ASP A 626 -15.84 -9.51 17.79
N PRO A 627 -14.73 -10.16 18.06
CA PRO A 627 -13.70 -9.55 18.91
C PRO A 627 -13.01 -8.36 18.28
N LEU A 628 -12.24 -8.60 17.22
CA LEU A 628 -11.63 -7.53 16.45
C LEU A 628 -11.70 -7.74 14.95
N PHE A 629 -11.43 -8.96 14.50
CA PHE A 629 -11.41 -9.31 13.08
C PHE A 629 -12.09 -10.66 12.97
N LYS A 630 -13.37 -10.66 12.62
CA LYS A 630 -14.10 -11.96 12.48
C LYS A 630 -14.78 -12.00 11.11
N HIS A 631 -14.31 -12.90 10.25
CA HIS A 631 -14.90 -13.07 8.89
C HIS A 631 -15.16 -14.56 8.66
N PHE A 632 -16.09 -14.88 7.77
CA PHE A 632 -16.44 -16.28 7.51
C PHE A 632 -16.24 -16.58 6.02
N HIS A 633 -16.72 -17.75 5.60
CA HIS A 633 -16.70 -18.25 4.23
C HIS A 633 -15.38 -17.93 3.54
N ASN A 634 -14.46 -17.30 4.26
CA ASN A 634 -13.08 -17.08 3.82
C ASN A 634 -12.07 -17.65 4.79
N LYS A 635 -12.21 -17.35 6.08
CA LYS A 635 -11.19 -17.73 7.05
C LYS A 635 -11.10 -19.24 7.22
N ASP A 636 -12.21 -19.95 7.09
CA ASP A 636 -12.23 -21.37 7.41
C ASP A 636 -11.27 -22.14 6.52
N ILE A 637 -10.20 -22.67 7.12
CA ILE A 637 -9.25 -23.47 6.37
C ILE A 637 -9.80 -24.88 6.24
N LYS A 638 -10.04 -25.31 5.00
CA LYS A 638 -10.59 -26.63 4.79
C LYS A 638 -9.60 -27.69 5.24
N VAL A 639 -10.09 -28.91 5.42
CA VAL A 639 -9.27 -30.00 5.96
C VAL A 639 -8.07 -30.26 5.05
N SER A 640 -8.23 -30.03 3.74
CA SER A 640 -7.18 -30.39 2.79
C SER A 640 -5.93 -29.54 2.96
N GLU A 641 -6.10 -28.22 3.10
CA GLU A 641 -4.95 -27.33 3.00
C GLU A 641 -4.06 -27.37 4.23
N VAL A 642 -4.46 -28.08 5.28
CA VAL A 642 -3.69 -28.19 6.52
C VAL A 642 -2.24 -28.60 6.25
N LYS A 643 -2.06 -29.65 5.45
CA LYS A 643 -0.75 -30.23 5.17
C LYS A 643 0.27 -29.20 4.69
N ASP A 644 -0.13 -28.38 3.72
CA ASP A 644 0.77 -27.37 3.19
C ASP A 644 1.17 -26.36 4.25
N LEU A 645 0.26 -25.97 5.13
CA LEU A 645 0.64 -25.06 6.21
C LEU A 645 1.59 -25.73 7.18
N GLU A 646 1.41 -27.03 7.42
CA GLU A 646 2.38 -27.76 8.26
C GLU A 646 3.77 -27.71 7.65
N ASP A 647 3.86 -27.98 6.35
CA ASP A 647 5.16 -27.96 5.68
C ASP A 647 5.78 -26.57 5.73
N GLU A 648 4.97 -25.53 5.51
CA GLU A 648 5.52 -24.18 5.57
C GLU A 648 6.00 -23.84 6.97
N ALA A 649 5.30 -24.32 8.01
CA ALA A 649 5.77 -24.10 9.36
C ALA A 649 7.09 -24.79 9.62
N CYS A 650 7.25 -26.02 9.12
CA CYS A 650 8.51 -26.72 9.32
C CYS A 650 9.66 -26.05 8.58
N ILE A 651 9.42 -25.55 7.37
CA ILE A 651 10.45 -24.82 6.65
C ILE A 651 10.81 -23.53 7.38
N ALA A 652 9.81 -22.87 7.96
CA ALA A 652 10.10 -21.70 8.77
C ALA A 652 10.99 -22.05 9.96
N PHE A 653 10.71 -23.18 10.62
CA PHE A 653 11.56 -23.63 11.73
C PHE A 653 13.00 -23.83 11.27
N ALA A 654 13.17 -24.58 10.18
CA ALA A 654 14.51 -24.86 9.67
C ALA A 654 15.25 -23.58 9.33
N THR A 655 14.59 -22.65 8.64
CA THR A 655 15.26 -21.42 8.24
C THR A 655 15.63 -20.57 9.44
N LEU A 656 14.74 -20.47 10.42
CA LEU A 656 15.05 -19.72 11.64
C LEU A 656 16.32 -20.28 12.28
N ASP A 657 16.39 -21.60 12.45
CA ASP A 657 17.55 -22.14 13.12
C ASP A 657 18.79 -22.06 12.23
N LEU A 658 18.63 -22.04 10.91
CA LEU A 658 19.76 -21.89 10.01
C LEU A 658 20.36 -20.49 10.09
N VAL A 659 19.54 -19.49 10.40
CA VAL A 659 20.03 -18.12 10.45
C VAL A 659 20.45 -17.81 11.88
N ASP A 660 20.70 -18.84 12.66
CA ASP A 660 21.21 -18.66 14.02
C ASP A 660 22.59 -19.28 14.17
N GLY A 661 22.91 -20.25 13.33
CA GLY A 661 24.21 -20.89 13.34
C GLY A 661 24.20 -22.37 13.68
N LYS A 662 23.04 -22.97 13.94
CA LYS A 662 22.94 -24.41 14.15
C LYS A 662 22.73 -25.11 12.81
N THR A 663 23.79 -25.07 12.00
CA THR A 663 23.70 -25.49 10.61
C THR A 663 23.44 -26.99 10.42
N GLU A 664 23.66 -27.80 11.46
CA GLU A 664 23.44 -29.24 11.29
C GLU A 664 21.97 -29.60 11.40
N ASP A 665 21.32 -29.23 12.50
CA ASP A 665 19.90 -29.52 12.63
C ASP A 665 19.05 -28.72 11.67
N ALA A 666 19.59 -27.62 11.12
CA ALA A 666 18.95 -26.98 9.98
C ALA A 666 18.80 -27.96 8.83
N ILE A 667 19.89 -28.66 8.48
CA ILE A 667 19.81 -29.69 7.44
C ILE A 667 18.85 -30.80 7.88
N ILE A 668 18.96 -31.23 9.13
CA ILE A 668 18.11 -32.28 9.69
C ILE A 668 16.64 -31.96 9.42
N ALA A 669 16.20 -30.77 9.80
CA ALA A 669 14.82 -30.38 9.60
C ALA A 669 14.49 -30.15 8.13
N PHE A 670 15.45 -29.67 7.34
CA PHE A 670 15.20 -29.48 5.92
C PHE A 670 15.15 -30.78 5.16
N GLU A 671 15.43 -31.92 5.80
CA GLU A 671 15.35 -33.22 5.15
C GLU A 671 14.07 -33.95 5.53
N SER A 672 12.99 -33.19 5.75
CA SER A 672 11.69 -33.81 5.99
C SER A 672 10.67 -33.33 4.95
N VAL A 673 10.56 -32.01 4.78
CA VAL A 673 9.68 -31.47 3.75
C VAL A 673 10.32 -31.70 2.39
N LYS A 674 9.48 -31.86 1.38
CA LYS A 674 9.96 -32.34 0.08
C LYS A 674 9.43 -31.47 -1.05
N ASN A 675 9.32 -30.17 -0.82
CA ASN A 675 8.98 -29.24 -1.89
C ASN A 675 10.26 -28.63 -2.45
N VAL A 676 10.12 -27.64 -3.32
CA VAL A 676 11.29 -27.10 -4.02
C VAL A 676 12.08 -26.16 -3.12
N VAL A 677 11.41 -25.46 -2.20
CA VAL A 677 12.12 -24.59 -1.29
C VAL A 677 13.14 -25.37 -0.48
N ALA A 678 12.76 -26.57 -0.04
CA ALA A 678 13.68 -27.41 0.73
C ALA A 678 14.91 -27.76 -0.10
N TYR A 679 14.69 -28.21 -1.33
CA TYR A 679 15.80 -28.57 -2.21
C TYR A 679 16.75 -27.39 -2.43
N TRP A 680 16.20 -26.22 -2.74
CA TRP A 680 17.06 -25.07 -2.99
C TRP A 680 17.84 -24.67 -1.75
N ASN A 681 17.19 -24.66 -0.57
CA ASN A 681 17.90 -24.30 0.65
C ASN A 681 19.00 -25.31 0.95
N LEU A 682 18.73 -26.60 0.73
CA LEU A 682 19.74 -27.61 1.00
C LEU A 682 20.94 -27.42 0.09
N ALA A 683 20.71 -27.17 -1.20
CA ALA A 683 21.82 -26.96 -2.11
C ALA A 683 22.61 -25.72 -1.72
N LEU A 684 21.91 -24.66 -1.29
CA LEU A 684 22.62 -23.44 -0.88
C LEU A 684 23.51 -23.68 0.33
N ILE A 685 23.00 -24.41 1.32
CA ILE A 685 23.81 -24.67 2.51
C ILE A 685 24.98 -25.58 2.17
N TYR A 686 24.76 -26.54 1.27
CA TYR A 686 25.85 -27.39 0.79
C TYR A 686 26.95 -26.56 0.16
N GLN A 687 26.57 -25.60 -0.68
CA GLN A 687 27.56 -24.71 -1.30
C GLN A 687 28.32 -23.91 -0.25
N ARG A 688 27.59 -23.21 0.62
CA ARG A 688 28.25 -22.31 1.56
C ARG A 688 29.19 -23.06 2.50
N LYS A 689 28.72 -24.16 3.10
CA LYS A 689 29.58 -24.89 4.02
C LYS A 689 30.80 -25.45 3.32
N ALA A 690 30.68 -25.75 2.03
CA ALA A 690 31.73 -26.48 1.32
C ALA A 690 32.31 -25.69 0.16
N GLU A 691 32.67 -24.43 0.39
CA GLU A 691 33.32 -23.65 -0.66
C GLU A 691 34.61 -24.32 -1.11
N GLU A 692 35.50 -24.64 -0.17
CA GLU A 692 36.78 -25.28 -0.47
C GLU A 692 37.04 -26.40 0.51
N ILE A 693 36.04 -27.26 0.72
CA ILE A 693 36.16 -28.28 1.75
C ILE A 693 36.34 -29.67 1.13
N GLU A 694 35.35 -30.14 0.38
CA GLU A 694 35.35 -31.51 -0.13
C GLU A 694 34.79 -31.55 -1.54
N ASN A 695 35.13 -32.63 -2.26
CA ASN A 695 34.60 -32.78 -3.62
C ASN A 695 33.30 -33.59 -3.64
N ASP A 696 33.23 -34.67 -2.85
CA ASP A 696 32.09 -35.57 -2.95
C ASP A 696 30.81 -34.93 -2.41
N CYS A 697 30.94 -33.87 -1.60
CA CYS A 697 29.74 -33.14 -1.19
C CYS A 697 29.12 -32.37 -2.34
N LEU A 698 29.84 -32.20 -3.45
CA LEU A 698 29.25 -31.53 -4.60
C LEU A 698 28.14 -32.36 -5.23
N PRO A 699 28.31 -33.68 -5.49
CA PRO A 699 27.20 -34.49 -6.02
C PRO A 699 25.89 -34.33 -5.27
N ALA A 700 25.95 -33.95 -3.99
CA ALA A 700 24.74 -33.56 -3.27
C ALA A 700 24.05 -32.41 -3.99
N GLU A 701 24.78 -31.31 -4.21
CA GLU A 701 24.26 -30.21 -5.01
C GLU A 701 23.83 -30.70 -6.39
N GLU A 702 24.62 -31.60 -6.99
CA GLU A 702 24.30 -32.09 -8.33
C GLU A 702 22.90 -32.69 -8.38
N GLN A 703 22.63 -33.68 -7.53
CA GLN A 703 21.34 -34.34 -7.57
C GLN A 703 20.21 -33.46 -7.06
N GLU A 704 20.46 -32.58 -6.09
CA GLU A 704 19.37 -31.72 -5.64
C GLU A 704 18.98 -30.73 -6.72
N GLU A 705 19.94 -30.22 -7.48
CA GLU A 705 19.56 -29.35 -8.59
C GLU A 705 19.01 -30.14 -9.76
N PHE A 706 19.34 -31.43 -9.87
CA PHE A 706 18.62 -32.24 -10.86
C PHE A 706 17.15 -32.39 -10.46
N GLN A 707 16.89 -32.58 -9.17
CA GLN A 707 15.53 -32.57 -8.66
C GLN A 707 14.84 -31.26 -9.03
N GLU A 708 15.50 -30.14 -8.75
CA GLU A 708 14.90 -28.85 -9.08
C GLU A 708 14.75 -28.66 -10.58
N CYS A 709 15.58 -29.33 -11.39
CA CYS A 709 15.40 -29.30 -12.84
C CYS A 709 14.10 -29.99 -13.24
N LEU A 710 13.90 -31.22 -12.77
CA LEU A 710 12.62 -31.89 -13.04
C LEU A 710 11.45 -31.07 -12.53
N LEU A 711 11.62 -30.40 -11.39
CA LEU A 711 10.52 -29.61 -10.85
C LEU A 711 10.31 -28.33 -11.64
N LYS A 712 11.35 -27.83 -12.29
CA LYS A 712 11.18 -26.72 -13.23
C LYS A 712 10.48 -27.18 -14.49
N CYS A 713 10.65 -28.44 -14.86
CA CYS A 713 9.94 -28.97 -16.02
C CYS A 713 8.43 -28.77 -15.91
N LYS A 714 7.91 -28.66 -14.68
CA LYS A 714 6.50 -28.41 -14.43
C LYS A 714 6.17 -26.93 -14.28
N GLY A 715 7.07 -26.04 -14.66
CA GLY A 715 6.80 -24.61 -14.57
C GLY A 715 6.56 -24.12 -13.16
N PHE A 716 7.20 -24.77 -12.18
CA PHE A 716 7.01 -24.41 -10.77
C PHE A 716 7.92 -23.24 -10.43
N LEU A 717 7.32 -22.07 -10.28
CA LEU A 717 8.05 -20.84 -9.95
C LEU A 717 7.95 -20.49 -8.47
N LYS A 718 7.78 -21.50 -7.61
CA LYS A 718 7.56 -21.22 -6.19
C LYS A 718 8.81 -20.68 -5.50
N MET A 719 10.00 -20.95 -6.05
CA MET A 719 11.23 -20.50 -5.42
C MET A 719 11.32 -18.98 -5.39
N ILE A 720 12.04 -18.46 -4.41
CA ILE A 720 12.13 -17.01 -4.24
C ILE A 720 12.90 -16.38 -5.41
N CYS A 721 14.02 -16.96 -5.79
CA CYS A 721 14.71 -16.60 -7.02
C CYS A 721 14.43 -17.68 -8.06
N ASP A 722 13.94 -17.27 -9.23
CA ASP A 722 13.56 -18.23 -10.26
C ASP A 722 14.77 -19.04 -10.72
N GLU A 723 14.52 -20.27 -11.14
CA GLU A 723 15.61 -21.17 -11.50
C GLU A 723 16.37 -20.70 -12.73
N TYR A 724 15.90 -19.67 -13.43
CA TYR A 724 16.64 -19.13 -14.55
C TYR A 724 18.06 -18.73 -14.13
N SER A 725 18.22 -18.29 -12.89
CA SER A 725 19.52 -17.88 -12.36
C SER A 725 20.19 -18.96 -11.51
N ALA A 726 19.44 -19.60 -10.62
CA ALA A 726 20.05 -20.62 -9.77
C ALA A 726 20.47 -21.85 -10.57
N TYR A 727 19.55 -22.38 -11.37
CA TYR A 727 19.74 -23.60 -12.14
C TYR A 727 20.94 -23.47 -13.07
N PRO A 728 21.08 -22.36 -13.80
CA PRO A 728 22.25 -22.24 -14.68
C PRO A 728 23.56 -22.18 -13.92
N SER A 729 23.63 -21.36 -12.87
CA SER A 729 24.87 -21.22 -12.10
C SER A 729 25.27 -22.56 -11.48
N ILE A 730 24.31 -23.28 -10.91
CA ILE A 730 24.60 -24.55 -10.26
C ILE A 730 25.02 -25.59 -11.29
N ALA A 731 24.30 -25.64 -12.41
CA ALA A 731 24.68 -26.56 -13.48
C ALA A 731 26.10 -26.28 -13.97
N THR A 732 26.47 -25.00 -14.03
CA THR A 732 27.84 -24.64 -14.43
C THR A 732 28.85 -25.08 -13.39
N SER A 733 28.59 -24.78 -12.11
CA SER A 733 29.52 -25.16 -11.06
C SER A 733 29.72 -26.66 -11.00
N LEU A 734 28.64 -27.43 -11.21
CA LEU A 734 28.73 -28.88 -11.22
C LEU A 734 29.56 -29.36 -12.41
N PRO A 735 29.35 -28.79 -13.59
CA PRO A 735 30.20 -29.19 -14.72
C PRO A 735 31.64 -28.74 -14.57
N VAL A 736 31.85 -27.52 -14.05
CA VAL A 736 33.22 -27.07 -13.79
C VAL A 736 33.89 -27.94 -12.75
N PRO A 737 33.24 -28.33 -11.66
CA PRO A 737 33.89 -29.27 -10.73
C PRO A 737 34.15 -30.64 -11.34
N VAL A 738 33.31 -31.05 -12.29
CA VAL A 738 33.49 -32.31 -12.98
C VAL A 738 34.62 -32.22 -13.99
#